data_8BSK
#
_entry.id   8BSK
#
_cell.length_a   139.88
_cell.length_b   139.88
_cell.length_c   155.2
_cell.angle_alpha   90
_cell.angle_beta   90
_cell.angle_gamma   90
#
_symmetry.space_group_name_H-M   'I 41 2 2'
#
loop_
_entity.id
_entity.type
_entity.pdbx_description
1 polymer 'Glutaminase kidney isoform, mitochondrial 65 kDa chain'
2 non-polymer 'SULFATE ION'
3 non-polymer "N,N'-[sulfanediylbis(ethane-2,1-diyl-1,3,4-thiadiazole-5,2-diyl)]bis(2-phenylacetamide)"
4 water water
#
_entity_poly.entity_id   1
_entity_poly.type   'polypeptide(L)'
_entity_poly.pdbx_seq_one_letter_code
;SMIPDFMSFTSHIDELYESAKKQSGGKVADYIPQLAKFSPDLWGVSVCTVDGQRHSTGDTKVPFCLQSCVKPLKYAIAVN
DLGTEYVHRYVGKEPSGLRFNKLFLNEDDKPHNPMVNAGAIVVTSLIKQGVNNAEKFDYVMQFLNKMAGNEYVGFSNATF
QSERESGDRNFAIGYYLKEKKCFPEGTDMVGILDFYFQLCSIEVTCESASVMAATLANGGFCPITGERVLSPEAVRNTLS
LMHSCGMYDFSGQFAFHVGLPAKSGVAGGILLVVPNVMGMMCWSPPLDKMGNSVKGIHFCHDLVSLCNFHNYDNL
;
_entity_poly.pdbx_strand_id   A
#
# COMPACT_ATOMS: atom_id res chain seq x y z
N PRO A 4 4.17 -19.80 17.46
CA PRO A 4 4.38 -20.79 18.53
C PRO A 4 5.53 -20.42 19.46
N ASP A 5 6.58 -19.80 18.90
CA ASP A 5 7.76 -19.33 19.65
C ASP A 5 8.16 -18.01 18.99
N PHE A 6 7.61 -16.90 19.50
CA PHE A 6 7.87 -15.57 18.96
C PHE A 6 9.32 -15.14 19.11
N MET A 7 9.93 -15.42 20.26
CA MET A 7 11.33 -15.06 20.51
C MET A 7 12.29 -15.64 19.46
N SER A 8 12.07 -16.92 19.10
CA SER A 8 12.89 -17.60 18.08
C SER A 8 12.59 -17.07 16.68
N PHE A 9 11.33 -16.71 16.42
CA PHE A 9 10.94 -16.17 15.13
C PHE A 9 11.61 -14.81 14.92
N THR A 10 11.74 -13.98 15.97
CA THR A 10 12.37 -12.66 15.83
C THR A 10 13.88 -12.81 15.54
N SER A 11 14.53 -13.89 16.02
CA SER A 11 15.94 -14.15 15.71
C SER A 11 16.10 -14.38 14.21
N HIS A 12 15.13 -15.10 13.59
CA HIS A 12 15.13 -15.36 12.16
C HIS A 12 14.85 -14.09 11.38
N ILE A 13 13.91 -13.25 11.85
CA ILE A 13 13.60 -11.97 11.22
C ILE A 13 14.86 -11.09 11.19
N ASP A 14 15.61 -11.07 12.32
CA ASP A 14 16.86 -10.32 12.43
C ASP A 14 17.91 -10.83 11.45
N GLU A 15 18.06 -12.17 11.34
CA GLU A 15 18.98 -12.79 10.38
C GLU A 15 18.61 -12.42 8.92
N LEU A 16 17.32 -12.43 8.58
CA LEU A 16 16.85 -12.08 7.24
C LEU A 16 17.08 -10.59 6.97
N TYR A 17 16.88 -9.74 7.99
CA TYR A 17 17.13 -8.30 7.90
C TYR A 17 18.62 -8.06 7.57
N GLU A 18 19.54 -8.76 8.27
CA GLU A 18 20.98 -8.62 8.08
C GLU A 18 21.43 -9.06 6.68
N SER A 19 20.87 -10.16 6.18
CA SER A 19 21.19 -10.65 4.85
C SER A 19 20.71 -9.63 3.77
N ALA A 20 19.47 -9.12 3.90
CA ALA A 20 18.94 -8.12 2.96
C ALA A 20 19.69 -6.78 3.04
N LYS A 21 20.25 -6.44 4.22
CA LYS A 21 21.01 -5.22 4.44
C LYS A 21 22.23 -5.11 3.49
N LYS A 22 22.80 -6.26 3.12
CA LYS A 22 23.95 -6.31 2.21
C LYS A 22 23.58 -6.01 0.75
N GLN A 23 22.30 -6.11 0.39
CA GLN A 23 21.84 -5.84 -0.99
C GLN A 23 21.81 -4.33 -1.19
N SER A 24 22.93 -3.77 -1.65
CA SER A 24 23.06 -2.32 -1.83
C SER A 24 22.60 -1.78 -3.17
N GLY A 25 22.09 -2.63 -4.05
CA GLY A 25 21.63 -2.20 -5.37
C GLY A 25 20.41 -1.32 -5.38
N GLY A 26 20.01 -0.88 -6.57
CA GLY A 26 18.84 -0.03 -6.72
C GLY A 26 19.11 1.46 -6.76
N LYS A 27 18.08 2.22 -7.07
CA LYS A 27 18.18 3.67 -7.16
C LYS A 27 17.06 4.32 -6.37
N VAL A 28 17.40 5.28 -5.50
CA VAL A 28 16.40 6.02 -4.73
C VAL A 28 15.57 6.87 -5.74
N ALA A 29 14.23 6.87 -5.65
CA ALA A 29 13.39 7.67 -6.56
C ALA A 29 13.79 9.17 -6.46
N ASP A 30 13.92 9.84 -7.60
CA ASP A 30 14.39 11.22 -7.60
C ASP A 30 13.56 12.16 -8.48
N TYR A 31 12.32 11.78 -8.82
CA TYR A 31 11.51 12.64 -9.69
C TYR A 31 11.03 13.92 -8.94
N ILE A 32 10.90 13.84 -7.59
CA ILE A 32 10.64 15.00 -6.71
C ILE A 32 11.76 15.05 -5.63
N PRO A 33 12.16 16.26 -5.18
CA PRO A 33 13.25 16.35 -4.19
C PRO A 33 12.96 15.65 -2.87
N GLN A 34 11.68 15.59 -2.49
CA GLN A 34 11.22 14.99 -1.25
C GLN A 34 11.51 13.48 -1.20
N LEU A 35 11.64 12.81 -2.37
CA LEU A 35 12.01 11.41 -2.42
C LEU A 35 13.53 11.29 -2.59
N ALA A 36 14.13 12.14 -3.44
CA ALA A 36 15.54 12.15 -3.76
C ALA A 36 16.46 12.31 -2.56
N LYS A 37 15.98 13.00 -1.51
CA LYS A 37 16.79 13.27 -0.35
C LYS A 37 17.03 12.08 0.57
N PHE A 38 16.24 11.00 0.44
CA PHE A 38 16.38 9.87 1.35
C PHE A 38 17.67 9.10 1.18
N SER A 39 18.31 8.75 2.31
CA SER A 39 19.51 7.94 2.29
C SER A 39 19.21 6.54 1.68
N PRO A 40 20.08 6.05 0.79
CA PRO A 40 19.92 4.68 0.29
C PRO A 40 20.17 3.61 1.37
N ASP A 41 20.80 3.96 2.48
CA ASP A 41 21.13 3.01 3.54
C ASP A 41 20.04 2.81 4.59
N LEU A 42 18.94 3.57 4.52
CA LEU A 42 17.84 3.40 5.47
C LEU A 42 17.16 2.05 5.17
N TRP A 43 17.00 1.22 6.20
CA TRP A 43 16.43 -0.12 6.04
C TRP A 43 15.77 -0.53 7.35
N GLY A 44 14.46 -0.74 7.32
CA GLY A 44 13.72 -1.14 8.50
C GLY A 44 12.69 -2.22 8.24
N VAL A 45 12.49 -3.11 9.21
CA VAL A 45 11.50 -4.18 9.12
C VAL A 45 10.71 -4.20 10.43
N SER A 46 9.40 -4.09 10.34
CA SER A 46 8.54 -4.17 11.52
C SER A 46 7.49 -5.23 11.33
N VAL A 47 7.18 -5.95 12.40
CA VAL A 47 6.24 -7.06 12.43
C VAL A 47 5.19 -6.83 13.51
N CYS A 48 3.91 -7.11 13.20
CA CYS A 48 2.85 -7.10 14.19
C CYS A 48 2.04 -8.38 13.95
N THR A 49 2.06 -9.34 14.87
CA THR A 49 1.29 -10.58 14.68
C THR A 49 -0.22 -10.31 14.86
N VAL A 50 -1.07 -11.27 14.46
CA VAL A 50 -2.52 -11.11 14.64
C VAL A 50 -2.91 -11.08 16.14
N ASP A 51 -2.01 -11.52 17.05
CA ASP A 51 -2.20 -11.47 18.50
C ASP A 51 -1.52 -10.24 19.16
N GLY A 52 -1.01 -9.30 18.37
CA GLY A 52 -0.40 -8.08 18.86
C GLY A 52 1.05 -8.16 19.33
N GLN A 53 1.76 -9.25 18.98
CA GLN A 53 3.18 -9.34 19.34
C GLN A 53 3.97 -8.46 18.36
N ARG A 54 4.91 -7.66 18.88
CA ARG A 54 5.64 -6.71 18.06
C ARG A 54 7.13 -6.99 17.96
N HIS A 55 7.73 -6.65 16.81
CA HIS A 55 9.18 -6.75 16.67
C HIS A 55 9.67 -5.82 15.58
N SER A 56 10.72 -5.05 15.86
CA SER A 56 11.28 -4.12 14.88
C SER A 56 12.79 -4.24 14.83
N THR A 57 13.35 -4.05 13.64
CA THR A 57 14.80 -4.05 13.44
C THR A 57 15.15 -3.02 12.37
N GLY A 58 16.14 -2.19 12.67
CA GLY A 58 16.55 -1.15 11.74
C GLY A 58 15.85 0.17 11.93
N ASP A 59 15.68 0.91 10.82
CA ASP A 59 15.13 2.26 10.82
C ASP A 59 13.60 2.26 10.80
N THR A 60 12.99 1.80 11.92
CA THR A 60 11.55 1.58 11.97
C THR A 60 10.72 2.72 12.54
N LYS A 61 11.36 3.83 12.92
CA LYS A 61 10.65 5.00 13.42
C LYS A 61 10.91 6.26 12.54
N VAL A 62 11.49 6.09 11.35
CA VAL A 62 11.73 7.21 10.45
C VAL A 62 10.51 7.31 9.54
N PRO A 63 9.78 8.44 9.58
CA PRO A 63 8.60 8.56 8.71
C PRO A 63 8.93 8.61 7.22
N PHE A 64 8.06 8.02 6.41
CA PHE A 64 8.14 8.04 4.97
C PHE A 64 6.70 8.03 4.42
N CYS A 65 6.52 8.45 3.17
CA CYS A 65 5.19 8.49 2.56
C CYS A 65 4.74 7.11 2.11
N LEU A 66 3.45 6.81 2.32
CA LEU A 66 2.86 5.56 1.86
C LEU A 66 2.96 5.45 0.35
N GLN A 67 2.72 6.57 -0.37
CA GLN A 67 2.71 6.55 -1.85
C GLN A 67 1.69 5.47 -2.33
N SER A 68 2.04 4.54 -3.25
CA SER A 68 1.12 3.51 -3.69
C SER A 68 0.75 2.47 -2.63
N CYS A 69 1.47 2.43 -1.47
CA CYS A 69 1.06 1.55 -0.36
C CYS A 69 -0.34 1.95 0.15
N VAL A 70 -0.77 3.21 -0.05
CA VAL A 70 -2.09 3.65 0.38
C VAL A 70 -3.23 3.08 -0.51
N LYS A 71 -2.93 2.66 -1.74
CA LYS A 71 -3.95 2.17 -2.68
C LYS A 71 -4.83 1.02 -2.14
N PRO A 72 -4.27 -0.08 -1.58
CA PRO A 72 -5.16 -1.11 -1.02
C PRO A 72 -5.94 -0.60 0.20
N LEU A 73 -5.39 0.36 0.96
CA LEU A 73 -6.07 0.90 2.14
C LEU A 73 -7.30 1.72 1.80
N LYS A 74 -7.18 2.61 0.80
CA LYS A 74 -8.35 3.40 0.39
C LYS A 74 -9.36 2.53 -0.38
N TYR A 75 -8.89 1.48 -1.08
CA TYR A 75 -9.78 0.54 -1.74
C TYR A 75 -10.59 -0.21 -0.67
N ALA A 76 -9.93 -0.62 0.43
CA ALA A 76 -10.59 -1.32 1.54
C ALA A 76 -11.65 -0.43 2.17
N ILE A 77 -11.35 0.87 2.35
CA ILE A 77 -12.33 1.82 2.88
C ILE A 77 -13.55 1.93 1.95
N ALA A 78 -13.31 2.07 0.63
CA ALA A 78 -14.41 2.15 -0.34
C ALA A 78 -15.31 0.91 -0.31
N VAL A 79 -14.73 -0.30 -0.26
CA VAL A 79 -15.54 -1.55 -0.21
C VAL A 79 -16.25 -1.66 1.13
N ASN A 80 -15.59 -1.25 2.22
CA ASN A 80 -16.21 -1.28 3.55
C ASN A 80 -17.49 -0.42 3.58
N ASP A 81 -17.44 0.76 2.96
CA ASP A 81 -18.57 1.68 2.96
C ASP A 81 -19.60 1.44 1.87
N LEU A 82 -19.18 0.97 0.70
CA LEU A 82 -20.07 0.87 -0.46
C LEU A 82 -20.38 -0.54 -0.95
N GLY A 83 -19.55 -1.52 -0.64
CA GLY A 83 -19.75 -2.89 -1.09
C GLY A 83 -18.98 -3.19 -2.36
N THR A 84 -18.75 -4.49 -2.66
CA THR A 84 -18.01 -4.96 -3.84
C THR A 84 -18.66 -4.49 -5.16
N GLU A 85 -19.98 -4.71 -5.30
CA GLU A 85 -20.74 -4.41 -6.52
C GLU A 85 -20.62 -2.95 -6.94
N TYR A 86 -20.91 -2.00 -6.03
CA TYR A 86 -20.82 -0.58 -6.34
C TYR A 86 -19.41 -0.18 -6.74
N VAL A 87 -18.39 -0.53 -5.95
CA VAL A 87 -17.01 -0.15 -6.25
C VAL A 87 -16.57 -0.66 -7.62
N HIS A 88 -16.88 -1.92 -7.92
CA HIS A 88 -16.44 -2.53 -9.16
C HIS A 88 -17.30 -2.16 -10.40
N ARG A 89 -18.30 -1.28 -10.23
CA ARG A 89 -18.97 -0.67 -11.39
C ARG A 89 -17.96 0.38 -12.00
N TYR A 90 -17.02 0.89 -11.21
CA TYR A 90 -16.07 1.93 -11.59
C TYR A 90 -14.64 1.44 -11.85
N VAL A 91 -14.25 0.30 -11.30
CA VAL A 91 -12.87 -0.20 -11.42
C VAL A 91 -12.84 -1.72 -11.64
N GLY A 92 -11.86 -2.21 -12.38
CA GLY A 92 -11.73 -3.63 -12.66
C GLY A 92 -11.17 -4.45 -11.50
N LYS A 93 -11.00 -5.77 -11.71
CA LYS A 93 -10.60 -6.73 -10.68
C LYS A 93 -9.40 -7.60 -11.07
N GLU A 94 -8.58 -7.20 -12.06
CA GLU A 94 -7.49 -8.10 -12.47
C GLU A 94 -6.25 -7.39 -12.95
N PRO A 95 -5.10 -8.11 -12.97
CA PRO A 95 -3.88 -7.47 -13.44
C PRO A 95 -3.88 -7.24 -14.93
N SER A 96 -3.15 -6.23 -15.36
CA SER A 96 -2.99 -5.97 -16.78
C SER A 96 -1.57 -6.47 -17.14
N GLY A 97 -1.36 -6.77 -18.42
CA GLY A 97 -0.02 -7.10 -18.90
C GLY A 97 0.89 -5.88 -18.83
N LEU A 98 2.21 -6.07 -18.99
CA LEU A 98 3.16 -4.95 -18.89
C LEU A 98 3.06 -3.97 -20.08
N LYS A 102 0.45 0.46 -19.71
CA LYS A 102 0.55 1.77 -20.36
C LYS A 102 -0.83 2.37 -20.74
N LEU A 103 -1.83 1.53 -21.08
CA LEU A 103 -3.18 2.04 -21.39
C LEU A 103 -3.85 2.53 -20.11
N PHE A 104 -4.56 3.66 -20.19
CA PHE A 104 -5.22 4.20 -19.00
C PHE A 104 -6.47 3.37 -18.62
N LEU A 105 -7.17 2.80 -19.62
CA LEU A 105 -8.40 2.03 -19.38
C LEU A 105 -8.41 0.66 -20.04
N ASN A 106 -9.24 -0.25 -19.53
CA ASN A 106 -9.42 -1.56 -20.16
C ASN A 106 -10.49 -1.44 -21.29
N GLU A 107 -10.86 -2.55 -21.95
CA GLU A 107 -11.86 -2.54 -23.02
C GLU A 107 -13.25 -2.05 -22.61
N ASP A 108 -13.57 -2.09 -21.32
CA ASP A 108 -14.88 -1.63 -20.82
C ASP A 108 -14.85 -0.17 -20.35
N ASP A 109 -13.78 0.59 -20.65
CA ASP A 109 -13.58 1.98 -20.21
C ASP A 109 -13.49 2.10 -18.71
N LYS A 110 -12.89 1.11 -18.07
CA LYS A 110 -12.68 1.11 -16.64
C LYS A 110 -11.20 0.94 -16.38
N PRO A 111 -10.67 1.57 -15.33
CA PRO A 111 -9.27 1.30 -14.95
C PRO A 111 -9.11 -0.19 -14.60
N HIS A 112 -7.96 -0.78 -14.96
CA HIS A 112 -7.73 -2.22 -14.86
C HIS A 112 -7.99 -2.80 -13.49
N ASN A 113 -7.58 -2.09 -12.45
CA ASN A 113 -7.72 -2.55 -11.07
C ASN A 113 -7.40 -1.38 -10.12
N PRO A 114 -7.71 -1.52 -8.81
CA PRO A 114 -7.45 -0.42 -7.88
C PRO A 114 -5.97 -0.14 -7.55
N MET A 115 -5.06 -1.03 -7.98
CA MET A 115 -3.64 -0.87 -7.64
C MET A 115 -2.84 -0.06 -8.66
N VAL A 116 -3.43 0.29 -9.81
CA VAL A 116 -2.75 1.18 -10.76
C VAL A 116 -3.26 2.63 -10.54
N ASN A 117 -2.50 3.65 -10.96
CA ASN A 117 -2.89 5.07 -10.71
C ASN A 117 -4.33 5.42 -11.13
N ALA A 118 -4.75 5.04 -12.32
CA ALA A 118 -6.09 5.33 -12.83
C ALA A 118 -7.16 4.71 -11.94
N GLY A 119 -6.91 3.49 -11.44
CA GLY A 119 -7.86 2.79 -10.59
C GLY A 119 -7.96 3.43 -9.23
N ALA A 120 -6.82 3.85 -8.67
CA ALA A 120 -6.78 4.51 -7.38
C ALA A 120 -7.41 5.91 -7.43
N ILE A 121 -7.24 6.61 -8.57
CA ILE A 121 -7.87 7.91 -8.78
C ILE A 121 -9.40 7.74 -8.79
N VAL A 122 -9.90 6.69 -9.48
CA VAL A 122 -11.32 6.41 -9.50
C VAL A 122 -11.84 6.00 -8.08
N VAL A 123 -11.12 5.15 -7.36
CA VAL A 123 -11.50 4.73 -6.02
C VAL A 123 -11.57 5.96 -5.07
N THR A 124 -10.59 6.88 -5.22
CA THR A 124 -10.54 8.13 -4.45
C THR A 124 -11.86 8.93 -4.62
N SER A 125 -12.41 8.96 -5.85
CA SER A 125 -13.67 9.64 -6.16
C SER A 125 -14.91 9.00 -5.54
N LEU A 126 -14.81 7.76 -5.02
CA LEU A 126 -15.97 7.07 -4.45
C LEU A 126 -16.13 7.28 -2.95
N ILE A 127 -15.07 7.65 -2.25
CA ILE A 127 -15.08 7.81 -0.81
C ILE A 127 -15.69 9.11 -0.34
N LYS A 128 -16.62 9.02 0.63
CA LYS A 128 -17.26 10.16 1.29
C LYS A 128 -17.71 11.24 0.30
N GLN A 129 -18.46 10.83 -0.72
CA GLN A 129 -18.92 11.75 -1.74
C GLN A 129 -19.86 12.79 -1.14
N GLY A 130 -19.78 14.01 -1.63
CA GLY A 130 -20.69 15.07 -1.17
C GLY A 130 -20.13 16.02 -0.13
N VAL A 131 -18.98 15.70 0.46
CA VAL A 131 -18.36 16.60 1.45
C VAL A 131 -17.10 17.25 0.87
N ASN A 132 -16.61 18.33 1.49
CA ASN A 132 -15.40 19.01 0.99
C ASN A 132 -14.14 18.13 1.18
N ASN A 133 -13.03 18.50 0.55
CA ASN A 133 -11.79 17.72 0.64
C ASN A 133 -11.21 17.64 2.04
N ALA A 134 -11.35 18.71 2.85
CA ALA A 134 -10.87 18.68 4.23
C ALA A 134 -11.56 17.55 5.03
N GLU A 135 -12.89 17.42 4.88
CA GLU A 135 -13.68 16.38 5.53
C GLU A 135 -13.40 14.98 4.96
N LYS A 136 -13.16 14.88 3.64
CA LYS A 136 -12.84 13.57 3.04
C LYS A 136 -11.50 13.08 3.59
N PHE A 137 -10.51 13.97 3.66
CA PHE A 137 -9.18 13.65 4.15
C PHE A 137 -9.24 13.26 5.64
N ASP A 138 -9.96 14.04 6.46
CA ASP A 138 -10.13 13.75 7.89
C ASP A 138 -10.77 12.37 8.09
N TYR A 139 -11.74 12.03 7.25
CA TYR A 139 -12.42 10.75 7.30
C TYR A 139 -11.46 9.59 7.00
N VAL A 140 -10.62 9.71 5.97
CA VAL A 140 -9.66 8.66 5.66
C VAL A 140 -8.59 8.57 6.77
N MET A 141 -8.16 9.71 7.29
CA MET A 141 -7.18 9.76 8.39
C MET A 141 -7.69 9.04 9.61
N GLN A 142 -8.97 9.19 9.95
CA GLN A 142 -9.52 8.51 11.12
C GLN A 142 -9.58 6.98 10.90
N PHE A 143 -9.83 6.55 9.67
CA PHE A 143 -9.81 5.14 9.29
C PHE A 143 -8.38 4.59 9.42
N LEU A 144 -7.37 5.32 8.90
CA LEU A 144 -5.96 4.90 8.97
C LEU A 144 -5.44 4.85 10.39
N ASN A 145 -5.91 5.76 11.27
CA ASN A 145 -5.55 5.77 12.68
C ASN A 145 -6.10 4.48 13.32
N LYS A 146 -7.36 4.10 13.01
CA LYS A 146 -7.96 2.87 13.54
C LYS A 146 -7.19 1.62 13.06
N MET A 147 -6.78 1.60 11.79
CA MET A 147 -6.04 0.48 11.21
C MET A 147 -4.69 0.29 11.88
N ALA A 148 -4.03 1.41 12.27
CA ALA A 148 -2.73 1.44 12.92
C ALA A 148 -2.77 1.38 14.45
N GLY A 149 -3.95 1.22 15.05
CA GLY A 149 -4.10 1.20 16.49
C GLY A 149 -3.64 2.49 17.15
N ASN A 150 -3.85 3.62 16.43
CA ASN A 150 -3.50 4.99 16.84
C ASN A 150 -2.01 5.26 16.87
N GLU A 151 -1.22 4.47 16.13
CA GLU A 151 0.20 4.71 16.01
C GLU A 151 0.44 5.73 14.86
N TYR A 152 1.69 6.15 14.66
CA TYR A 152 2.10 7.17 13.72
C TYR A 152 1.40 7.22 12.36
N VAL A 153 0.58 8.25 12.17
CA VAL A 153 -0.01 8.55 10.86
C VAL A 153 0.14 10.06 10.71
N GLY A 154 1.02 10.48 9.82
CA GLY A 154 1.32 11.90 9.61
C GLY A 154 1.04 12.36 8.20
N PHE A 155 1.64 13.49 7.80
CA PHE A 155 1.42 14.04 6.46
C PHE A 155 2.64 14.82 5.99
N SER A 156 3.01 14.66 4.73
CA SER A 156 4.12 15.41 4.16
C SER A 156 3.54 16.45 3.18
N ASN A 157 3.41 17.71 3.62
CA ASN A 157 2.92 18.78 2.76
C ASN A 157 3.89 18.99 1.57
N ALA A 158 5.21 18.92 1.82
CA ALA A 158 6.18 19.09 0.74
C ALA A 158 6.05 18.04 -0.37
N THR A 159 5.77 16.76 -0.02
CA THR A 159 5.56 15.73 -1.00
C THR A 159 4.25 15.98 -1.75
N PHE A 160 3.20 16.39 -1.04
CA PHE A 160 1.90 16.72 -1.65
C PHE A 160 2.09 17.84 -2.71
N GLN A 161 2.70 18.96 -2.31
CA GLN A 161 2.93 20.10 -3.19
C GLN A 161 3.75 19.70 -4.44
N SER A 162 4.80 18.90 -4.25
CA SER A 162 5.66 18.47 -5.36
C SER A 162 4.97 17.48 -6.29
N GLU A 163 4.22 16.52 -5.73
CA GLU A 163 3.51 15.52 -6.51
C GLU A 163 2.47 16.19 -7.41
N ARG A 164 1.76 17.17 -6.87
CA ARG A 164 0.74 17.86 -7.62
C ARG A 164 1.34 18.73 -8.73
N GLU A 165 2.39 19.48 -8.41
CA GLU A 165 3.08 20.36 -9.35
C GLU A 165 3.72 19.57 -10.50
N SER A 166 4.25 18.39 -10.22
CA SER A 166 4.94 17.62 -11.24
C SER A 166 4.15 16.44 -11.81
N GLY A 167 2.93 16.23 -11.34
CA GLY A 167 2.12 15.08 -11.76
C GLY A 167 1.37 15.20 -13.07
N ASP A 168 2.06 15.54 -14.17
CA ASP A 168 1.41 15.66 -15.47
C ASP A 168 0.76 14.37 -15.93
N ARG A 169 1.38 13.22 -15.63
CA ARG A 169 0.80 11.94 -16.06
C ARG A 169 -0.52 11.68 -15.34
N ASN A 170 -0.60 12.01 -14.06
CA ASN A 170 -1.85 11.83 -13.30
C ASN A 170 -2.93 12.82 -13.76
N PHE A 171 -2.56 14.04 -14.22
CA PHE A 171 -3.53 14.98 -14.78
C PHE A 171 -4.01 14.46 -16.14
N ALA A 172 -3.11 13.83 -16.93
CA ALA A 172 -3.52 13.23 -18.20
C ALA A 172 -4.53 12.10 -17.94
N ILE A 173 -4.28 11.29 -16.90
CA ILE A 173 -5.21 10.23 -16.53
C ILE A 173 -6.54 10.83 -16.07
N GLY A 174 -6.51 11.85 -15.21
CA GLY A 174 -7.74 12.51 -14.74
C GLY A 174 -8.61 13.04 -15.87
N TYR A 175 -8.01 13.74 -16.85
CA TYR A 175 -8.79 14.21 -18.00
C TYR A 175 -9.31 13.09 -18.89
N TYR A 176 -8.55 11.96 -19.02
CA TYR A 176 -9.02 10.84 -19.85
C TYR A 176 -10.19 10.13 -19.15
N LEU A 177 -10.14 9.98 -17.82
CA LEU A 177 -11.23 9.36 -17.06
C LEU A 177 -12.51 10.21 -17.16
N LYS A 178 -12.35 11.54 -17.13
CA LYS A 178 -13.44 12.49 -17.27
C LYS A 178 -14.07 12.35 -18.66
N GLU A 179 -13.23 12.25 -19.70
CA GLU A 179 -13.68 12.06 -21.08
C GLU A 179 -14.54 10.78 -21.23
N LYS A 180 -14.10 9.70 -20.58
CA LYS A 180 -14.80 8.42 -20.70
C LYS A 180 -15.89 8.20 -19.64
N LYS A 181 -16.25 9.25 -18.86
CA LYS A 181 -17.32 9.23 -17.85
C LYS A 181 -17.08 8.17 -16.78
N CYS A 182 -15.84 8.08 -16.33
CA CYS A 182 -15.40 7.08 -15.36
C CYS A 182 -15.78 7.40 -13.91
N PHE A 183 -16.04 8.68 -13.61
CA PHE A 183 -16.34 9.09 -12.24
C PHE A 183 -17.83 9.12 -11.96
N PRO A 184 -18.26 9.06 -10.68
CA PRO A 184 -19.69 9.27 -10.36
C PRO A 184 -20.14 10.66 -10.85
N GLU A 185 -21.36 10.80 -11.34
CA GLU A 185 -21.85 12.08 -11.85
C GLU A 185 -21.72 13.24 -10.83
N GLY A 186 -21.31 14.40 -11.33
CA GLY A 186 -21.11 15.57 -10.48
C GLY A 186 -19.74 15.60 -9.80
N THR A 187 -18.79 14.76 -10.24
CA THR A 187 -17.46 14.75 -9.65
C THR A 187 -16.62 15.94 -10.14
N ASP A 188 -15.88 16.59 -9.24
CA ASP A 188 -14.97 17.66 -9.61
C ASP A 188 -13.61 16.93 -9.73
N MET A 189 -13.19 16.62 -10.97
CA MET A 189 -11.98 15.84 -11.23
C MET A 189 -10.70 16.45 -10.64
N VAL A 190 -10.49 17.76 -10.82
CA VAL A 190 -9.30 18.44 -10.27
C VAL A 190 -9.24 18.29 -8.73
N GLY A 191 -10.39 18.39 -8.07
CA GLY A 191 -10.50 18.23 -6.62
C GLY A 191 -10.19 16.79 -6.21
N ILE A 192 -10.59 15.82 -7.04
CA ILE A 192 -10.26 14.41 -6.78
C ILE A 192 -8.74 14.20 -6.90
N LEU A 193 -8.09 14.83 -7.89
CA LEU A 193 -6.64 14.73 -8.03
C LEU A 193 -5.94 15.31 -6.80
N ASP A 194 -6.45 16.43 -6.25
CA ASP A 194 -5.89 17.01 -5.01
C ASP A 194 -5.93 16.00 -3.86
N PHE A 195 -7.10 15.36 -3.66
CA PHE A 195 -7.34 14.37 -2.62
C PHE A 195 -6.43 13.15 -2.84
N TYR A 196 -6.27 12.72 -4.10
CA TYR A 196 -5.40 11.60 -4.47
C TYR A 196 -3.94 11.91 -4.07
N PHE A 197 -3.43 13.10 -4.44
CA PHE A 197 -2.06 13.49 -4.10
C PHE A 197 -1.89 13.57 -2.59
N GLN A 198 -2.92 14.06 -1.87
CA GLN A 198 -2.86 14.14 -0.41
C GLN A 198 -2.73 12.75 0.22
N LEU A 199 -3.55 11.77 -0.24
CA LEU A 199 -3.53 10.39 0.27
C LEU A 199 -2.18 9.71 0.07
N CYS A 200 -1.53 9.92 -1.10
CA CYS A 200 -0.21 9.40 -1.40
C CYS A 200 0.88 10.01 -0.48
N SER A 201 0.64 11.22 0.04
CA SER A 201 1.56 11.97 0.89
C SER A 201 1.38 11.72 2.39
N ILE A 202 0.51 10.78 2.77
CA ILE A 202 0.36 10.41 4.17
C ILE A 202 1.62 9.63 4.58
N GLU A 203 2.17 9.98 5.73
CA GLU A 203 3.38 9.39 6.25
C GLU A 203 3.11 8.36 7.34
N VAL A 204 3.89 7.29 7.32
CA VAL A 204 3.84 6.24 8.33
C VAL A 204 5.31 5.92 8.75
N THR A 205 5.47 5.11 9.79
CA THR A 205 6.76 4.50 10.09
C THR A 205 6.60 2.99 9.76
N CYS A 206 7.68 2.20 9.80
CA CYS A 206 7.58 0.74 9.65
C CYS A 206 6.68 0.17 10.77
N GLU A 207 6.83 0.70 11.99
CA GLU A 207 6.04 0.23 13.14
C GLU A 207 4.54 0.42 12.97
N SER A 208 4.09 1.64 12.65
CA SER A 208 2.65 1.90 12.51
C SER A 208 2.06 1.23 11.29
N ALA A 209 2.82 1.18 10.19
CA ALA A 209 2.33 0.54 8.98
C ALA A 209 2.22 -0.97 9.16
N SER A 210 3.08 -1.59 10.00
CA SER A 210 3.01 -3.03 10.28
C SER A 210 1.70 -3.37 11.00
N VAL A 211 1.16 -2.44 11.82
CA VAL A 211 -0.12 -2.62 12.49
C VAL A 211 -1.26 -2.57 11.45
N MET A 212 -1.17 -1.66 10.48
CA MET A 212 -2.18 -1.57 9.40
C MET A 212 -2.19 -2.89 8.59
N ALA A 213 -1.00 -3.44 8.27
CA ALA A 213 -0.91 -4.72 7.56
C ALA A 213 -1.44 -5.85 8.42
N ALA A 214 -1.23 -5.80 9.75
CA ALA A 214 -1.73 -6.81 10.68
C ALA A 214 -3.25 -6.75 10.78
N THR A 215 -3.87 -5.56 10.62
CA THR A 215 -5.34 -5.45 10.62
C THR A 215 -5.90 -6.24 9.42
N LEU A 216 -5.23 -6.12 8.26
CA LEU A 216 -5.60 -6.86 7.05
C LEU A 216 -5.38 -8.37 7.25
N ALA A 217 -4.32 -8.76 7.97
CA ALA A 217 -4.05 -10.18 8.26
C ALA A 217 -5.01 -10.77 9.28
N ASN A 218 -5.62 -9.92 10.11
CA ASN A 218 -6.51 -10.34 11.20
C ASN A 218 -7.99 -10.16 10.86
N GLY A 219 -8.34 -10.31 9.59
CA GLY A 219 -9.74 -10.24 9.16
C GLY A 219 -10.44 -8.91 9.37
N GLY A 220 -9.67 -7.83 9.38
CA GLY A 220 -10.25 -6.50 9.59
C GLY A 220 -10.27 -6.01 11.03
N PHE A 221 -9.78 -6.81 11.99
CA PHE A 221 -9.73 -6.39 13.39
C PHE A 221 -8.31 -5.90 13.74
N CYS A 222 -8.18 -4.71 14.35
CA CYS A 222 -6.85 -4.19 14.71
C CYS A 222 -6.29 -5.04 15.83
N PRO A 223 -5.13 -5.69 15.67
CA PRO A 223 -4.65 -6.62 16.73
C PRO A 223 -4.23 -5.97 18.04
N ILE A 224 -3.83 -4.69 18.04
CA ILE A 224 -3.40 -4.05 19.29
C ILE A 224 -4.57 -3.34 20.03
N THR A 225 -5.77 -3.28 19.43
CA THR A 225 -6.94 -2.68 20.11
C THR A 225 -8.13 -3.66 20.18
N GLY A 226 -8.21 -4.61 19.25
CA GLY A 226 -9.32 -5.54 19.17
C GLY A 226 -10.54 -4.96 18.44
N GLU A 227 -10.43 -3.74 17.92
CA GLU A 227 -11.52 -3.05 17.25
C GLU A 227 -11.75 -3.53 15.83
N ARG A 228 -13.03 -3.71 15.41
CA ARG A 228 -13.32 -4.07 14.02
C ARG A 228 -13.18 -2.78 13.21
N VAL A 229 -12.31 -2.76 12.24
CA VAL A 229 -12.03 -1.59 11.43
C VAL A 229 -12.58 -1.77 10.00
N LEU A 230 -12.41 -2.96 9.42
CA LEU A 230 -12.85 -3.21 8.05
C LEU A 230 -13.71 -4.47 7.98
N SER A 231 -14.73 -4.47 7.10
CA SER A 231 -15.61 -5.61 6.96
C SER A 231 -14.83 -6.81 6.39
N PRO A 232 -15.28 -8.05 6.67
CA PRO A 232 -14.61 -9.22 6.08
C PRO A 232 -14.49 -9.15 4.54
N GLU A 233 -15.55 -8.67 3.86
CA GLU A 233 -15.58 -8.51 2.41
C GLU A 233 -14.52 -7.53 1.93
N ALA A 234 -14.36 -6.39 2.62
CA ALA A 234 -13.33 -5.41 2.24
C ALA A 234 -11.94 -6.01 2.35
N VAL A 235 -11.69 -6.78 3.41
CA VAL A 235 -10.38 -7.38 3.61
C VAL A 235 -10.08 -8.47 2.57
N ARG A 236 -11.05 -9.36 2.33
CA ARG A 236 -10.90 -10.43 1.34
C ARG A 236 -10.60 -9.86 -0.07
N ASN A 237 -11.36 -8.84 -0.51
CA ASN A 237 -11.13 -8.21 -1.81
C ASN A 237 -9.77 -7.58 -1.88
N THR A 238 -9.38 -6.86 -0.82
CA THR A 238 -8.10 -6.17 -0.75
C THR A 238 -6.93 -7.14 -0.84
N LEU A 239 -7.00 -8.25 -0.09
CA LEU A 239 -5.94 -9.25 -0.11
C LEU A 239 -5.83 -9.93 -1.49
N SER A 240 -6.97 -10.25 -2.14
CA SER A 240 -6.94 -10.86 -3.48
C SER A 240 -6.21 -9.95 -4.49
N LEU A 241 -6.55 -8.65 -4.47
CA LEU A 241 -5.95 -7.67 -5.40
C LEU A 241 -4.51 -7.31 -5.05
N MET A 242 -4.14 -7.36 -3.77
CA MET A 242 -2.73 -7.16 -3.39
C MET A 242 -1.90 -8.35 -3.89
N HIS A 243 -2.45 -9.57 -3.80
CA HIS A 243 -1.77 -10.78 -4.26
C HIS A 243 -1.47 -10.76 -5.78
N SER A 244 -2.45 -10.37 -6.61
CA SER A 244 -2.25 -10.38 -8.07
C SER A 244 -1.79 -9.02 -8.71
N CYS A 245 -2.02 -7.87 -8.06
CA CYS A 245 -1.76 -6.55 -8.65
C CYS A 245 -0.87 -5.63 -7.85
N GLY A 246 -0.33 -6.09 -6.72
CA GLY A 246 0.34 -5.20 -5.77
C GLY A 246 1.78 -4.79 -5.94
N MET A 247 2.55 -5.50 -6.78
CA MET A 247 3.98 -5.23 -6.93
C MET A 247 4.40 -4.72 -8.33
N TYR A 248 3.59 -3.82 -8.94
CA TYR A 248 3.81 -3.24 -10.28
C TYR A 248 3.97 -4.34 -11.33
N ASP A 249 4.90 -4.21 -12.31
CA ASP A 249 5.08 -5.26 -13.30
C ASP A 249 5.80 -6.49 -12.73
N PHE A 250 6.15 -6.50 -11.43
CA PHE A 250 6.72 -7.71 -10.81
C PHE A 250 5.60 -8.57 -10.16
N SER A 251 4.32 -8.10 -10.16
CA SER A 251 3.18 -8.79 -9.54
C SER A 251 3.11 -10.26 -9.83
N GLY A 252 3.20 -10.64 -11.11
CA GLY A 252 3.14 -12.04 -11.52
C GLY A 252 4.27 -12.89 -10.99
N GLN A 253 5.51 -12.37 -10.98
CA GLN A 253 6.65 -13.13 -10.45
C GLN A 253 6.59 -13.20 -8.90
N PHE A 254 6.09 -12.15 -8.26
CA PHE A 254 5.95 -12.11 -6.80
C PHE A 254 4.89 -13.15 -6.37
N ALA A 255 3.75 -13.21 -7.10
CA ALA A 255 2.68 -14.18 -6.83
C ALA A 255 3.19 -15.61 -6.89
N PHE A 256 4.01 -15.93 -7.91
CA PHE A 256 4.54 -17.26 -8.08
C PHE A 256 5.59 -17.66 -7.03
N HIS A 257 6.58 -16.80 -6.76
CA HIS A 257 7.68 -17.16 -5.85
C HIS A 257 7.42 -16.83 -4.36
N VAL A 258 6.65 -15.80 -4.09
CA VAL A 258 6.35 -15.35 -2.72
C VAL A 258 4.93 -15.77 -2.29
N GLY A 259 3.93 -15.50 -3.13
CA GLY A 259 2.56 -15.95 -2.88
C GLY A 259 1.87 -15.32 -1.69
N LEU A 260 2.21 -14.09 -1.38
CA LEU A 260 1.60 -13.36 -0.29
C LEU A 260 1.01 -12.05 -0.80
N PRO A 261 -0.09 -11.56 -0.19
CA PRO A 261 -0.57 -10.22 -0.56
C PRO A 261 0.42 -9.15 -0.10
N ALA A 262 0.82 -8.28 -1.02
CA ALA A 262 1.77 -7.23 -0.73
C ALA A 262 1.53 -6.01 -1.62
N LYS A 263 1.99 -4.83 -1.18
CA LYS A 263 1.85 -3.61 -1.97
C LYS A 263 3.07 -2.76 -1.79
N SER A 264 3.73 -2.40 -2.90
CA SER A 264 4.90 -1.53 -2.86
C SER A 264 4.53 -0.06 -3.15
N GLY A 265 5.45 0.83 -2.80
CA GLY A 265 5.36 2.27 -3.05
C GLY A 265 6.73 2.82 -3.41
N VAL A 266 6.75 3.98 -4.08
CA VAL A 266 7.97 4.61 -4.59
C VAL A 266 8.90 5.14 -3.48
N ALA A 267 8.39 5.29 -2.23
CA ALA A 267 9.27 5.68 -1.12
C ALA A 267 10.13 4.49 -0.62
N GLY A 268 9.91 3.29 -1.16
CA GLY A 268 10.64 2.09 -0.79
C GLY A 268 9.91 1.16 0.19
N GLY A 269 8.65 1.45 0.47
CA GLY A 269 7.85 0.63 1.36
C GLY A 269 7.23 -0.57 0.67
N ILE A 270 7.12 -1.68 1.41
CA ILE A 270 6.42 -2.89 1.00
C ILE A 270 5.53 -3.30 2.16
N LEU A 271 4.22 -3.10 2.00
CA LEU A 271 3.20 -3.48 2.99
C LEU A 271 2.94 -4.96 2.74
N LEU A 272 3.30 -5.84 3.68
CA LEU A 272 3.17 -7.27 3.49
C LEU A 272 2.19 -7.93 4.46
N VAL A 273 1.32 -8.79 3.93
CA VAL A 273 0.36 -9.51 4.76
C VAL A 273 0.58 -11.03 4.71
N VAL A 274 0.66 -11.66 5.90
CA VAL A 274 0.72 -13.10 6.01
C VAL A 274 -0.61 -13.44 6.70
N PRO A 275 -1.64 -13.83 5.90
CA PRO A 275 -2.98 -14.06 6.47
C PRO A 275 -3.05 -14.93 7.71
N ASN A 276 -3.76 -14.42 8.73
CA ASN A 276 -3.96 -15.08 10.03
C ASN A 276 -2.68 -15.27 10.83
N VAL A 277 -1.57 -14.62 10.43
CA VAL A 277 -0.31 -14.77 11.12
C VAL A 277 0.24 -13.42 11.56
N MET A 278 0.48 -12.52 10.62
CA MET A 278 1.05 -11.21 10.94
C MET A 278 0.98 -10.26 9.76
N GLY A 279 1.25 -9.00 10.06
CA GLY A 279 1.43 -7.93 9.10
C GLY A 279 2.84 -7.39 9.23
N MET A 280 3.40 -6.90 8.13
CA MET A 280 4.74 -6.35 8.12
C MET A 280 4.85 -5.13 7.25
N MET A 281 5.82 -4.26 7.56
CA MET A 281 6.21 -3.16 6.69
C MET A 281 7.73 -3.24 6.61
N CYS A 282 8.25 -3.40 5.38
CA CYS A 282 9.67 -3.44 5.01
C CYS A 282 9.90 -2.10 4.33
N TRP A 283 10.99 -1.39 4.65
CA TRP A 283 11.26 -0.11 3.99
C TRP A 283 12.72 0.14 3.70
N SER A 284 13.02 0.38 2.44
CA SER A 284 14.35 0.79 2.02
C SER A 284 14.20 1.58 0.74
N PRO A 285 14.57 2.87 0.75
CA PRO A 285 14.37 3.74 -0.44
C PRO A 285 14.90 3.23 -1.81
N PRO A 286 16.07 2.58 -1.98
CA PRO A 286 16.49 2.19 -3.34
C PRO A 286 15.59 1.14 -3.99
N LEU A 287 15.12 1.48 -5.19
CA LEU A 287 14.20 0.66 -5.96
C LEU A 287 14.87 -0.01 -7.13
N ASP A 288 14.35 -1.18 -7.53
CA ASP A 288 14.86 -1.86 -8.71
C ASP A 288 14.18 -1.24 -9.95
N LYS A 289 14.45 -1.78 -11.15
CA LYS A 289 13.86 -1.33 -12.41
C LYS A 289 12.33 -1.45 -12.44
N MET A 290 11.74 -2.31 -11.60
CA MET A 290 10.28 -2.42 -11.53
C MET A 290 9.64 -1.40 -10.58
N GLY A 291 10.45 -0.66 -9.82
CA GLY A 291 9.93 0.29 -8.85
C GLY A 291 9.79 -0.28 -7.44
N ASN A 292 10.27 -1.50 -7.21
CA ASN A 292 10.15 -2.15 -5.90
C ASN A 292 11.44 -2.06 -5.11
N SER A 293 11.34 -1.82 -3.80
CA SER A 293 12.51 -1.77 -2.90
C SER A 293 13.38 -3.03 -3.03
N VAL A 294 14.65 -2.87 -3.40
CA VAL A 294 15.58 -3.97 -3.58
C VAL A 294 15.74 -4.83 -2.30
N LYS A 295 15.98 -4.18 -1.14
CA LYS A 295 16.13 -4.91 0.12
C LYS A 295 14.84 -5.63 0.50
N GLY A 296 13.71 -4.96 0.33
CA GLY A 296 12.39 -5.50 0.64
C GLY A 296 12.03 -6.73 -0.19
N ILE A 297 12.32 -6.69 -1.52
CA ILE A 297 12.08 -7.82 -2.41
C ILE A 297 12.95 -8.99 -1.98
N HIS A 298 14.22 -8.74 -1.68
CA HIS A 298 15.14 -9.78 -1.23
C HIS A 298 14.65 -10.41 0.09
N PHE A 299 14.21 -9.55 1.03
CA PHE A 299 13.67 -9.98 2.32
C PHE A 299 12.41 -10.87 2.13
N CYS A 300 11.47 -10.45 1.27
CA CYS A 300 10.24 -11.19 0.99
C CYS A 300 10.50 -12.57 0.45
N HIS A 301 11.48 -12.71 -0.47
CA HIS A 301 11.80 -14.03 -1.02
C HIS A 301 12.41 -14.93 0.05
N ASP A 302 13.27 -14.36 0.89
CA ASP A 302 13.95 -15.09 1.95
C ASP A 302 12.98 -15.55 3.04
N LEU A 303 12.01 -14.70 3.39
CA LEU A 303 11.01 -14.97 4.41
C LEU A 303 10.18 -16.21 4.07
N VAL A 304 9.70 -16.28 2.83
CA VAL A 304 8.89 -17.40 2.35
C VAL A 304 9.70 -18.69 2.25
N SER A 305 10.98 -18.59 1.84
CA SER A 305 11.83 -19.79 1.74
C SER A 305 12.16 -20.35 3.12
N LEU A 306 12.27 -19.49 4.13
CA LEU A 306 12.62 -19.90 5.49
C LEU A 306 11.41 -20.38 6.30
N CYS A 307 10.33 -19.62 6.30
CA CYS A 307 9.17 -19.92 7.15
C CYS A 307 8.04 -20.66 6.46
N ASN A 308 8.10 -20.83 5.13
CA ASN A 308 7.05 -21.52 4.39
C ASN A 308 5.70 -20.82 4.54
N PHE A 309 5.70 -19.51 4.31
CA PHE A 309 4.51 -18.67 4.40
C PHE A 309 3.73 -18.56 3.08
N HIS A 310 4.26 -19.09 1.97
CA HIS A 310 3.63 -19.05 0.64
C HIS A 310 2.20 -19.58 0.71
N ASN A 311 1.31 -18.92 -0.02
CA ASN A 311 -0.11 -19.25 -0.13
C ASN A 311 -0.37 -20.75 -0.38
N TYR A 312 0.44 -21.39 -1.24
CA TYR A 312 0.23 -22.79 -1.57
C TYR A 312 1.28 -23.72 -1.02
N ASP A 313 1.91 -23.33 0.10
CA ASP A 313 2.89 -24.16 0.80
C ASP A 313 2.11 -25.17 1.67
N ASN A 314 2.46 -26.46 1.60
CA ASN A 314 1.76 -27.49 2.37
C ASN A 314 2.31 -27.61 3.80
#